data_5ECD
#
_entry.id   5ECD
#
_cell.length_a   121.450
_cell.length_b   121.450
_cell.length_c   51.740
_cell.angle_alpha   90.00
_cell.angle_beta   90.00
_cell.angle_gamma   120.00
#
_symmetry.space_group_name_H-M   'H 3'
#
loop_
_entity.id
_entity.type
_entity.pdbx_description
1 polymer 'tRNA(fMet)-specific endonuclease VapC'
2 non-polymer '4-(2-HYDROXYETHYL)-1-PIPERAZINE ETHANESULFONIC ACID'
3 water water
#
_entity_poly.entity_id   1
_entity_poly.type   'polypeptide(L)'
_entity_poly.pdbx_seq_one_letter_code
;MHHHHHHLKFMLDTNICIFTIKNKPASVRERFNLNQGKMCISSVTLMELIYGAEKSQMPERNLAVIEGFVSRIDVLDYDA
AAATHTGQIRAELARQGRPVGPFNQMIAGHARSRGLIIVTNNTREFERVGGLRTEDWS
;
_entity_poly.pdbx_strand_id   A,B
#
loop_
_chem_comp.id
_chem_comp.type
_chem_comp.name
_chem_comp.formula
EPE non-polymer '4-(2-HYDROXYETHYL)-1-PIPERAZINE ETHANESULFONIC ACID' 'C8 H18 N2 O4 S'
#
# COMPACT_ATOMS: atom_id res chain seq x y z
N HIS A 7 -15.28 -19.30 -2.15
CA HIS A 7 -15.20 -18.07 -1.37
C HIS A 7 -13.85 -17.93 -0.66
N LEU A 8 -13.30 -16.72 -0.66
CA LEU A 8 -11.97 -16.52 -0.12
C LEU A 8 -11.90 -16.75 1.38
N LYS A 9 -10.83 -17.39 1.82
CA LYS A 9 -10.62 -17.69 3.22
C LYS A 9 -9.26 -17.21 3.70
N PHE A 10 -8.29 -17.21 2.78
CA PHE A 10 -6.90 -16.92 3.10
C PHE A 10 -6.31 -15.78 2.28
N MET A 11 -5.53 -14.93 2.93
CA MET A 11 -4.68 -13.98 2.23
C MET A 11 -3.24 -14.40 2.49
N LEU A 12 -2.54 -14.77 1.42
CA LEU A 12 -1.16 -15.23 1.55
C LEU A 12 -0.18 -14.06 1.65
N ASP A 13 0.71 -14.13 2.61
CA ASP A 13 1.72 -13.11 2.78
C ASP A 13 2.83 -13.32 1.74
N THR A 14 3.73 -12.37 1.58
CA THR A 14 4.74 -12.45 0.51
C THR A 14 5.66 -13.68 0.62
N ASN A 15 6.15 -13.98 1.83
CA ASN A 15 7.04 -15.12 2.02
C ASN A 15 6.34 -16.42 1.63
N ILE A 16 5.08 -16.54 2.00
CA ILE A 16 4.32 -17.77 1.71
C ILE A 16 4.19 -17.97 0.19
N CYS A 17 4.00 -16.88 -0.55
CA CYS A 17 3.98 -16.98 -2.02
C CYS A 17 5.31 -17.49 -2.56
N ILE A 18 6.40 -16.91 -2.04
CA ILE A 18 7.74 -17.28 -2.47
C ILE A 18 8.04 -18.75 -2.18
N PHE A 19 7.67 -19.19 -0.97
CA PHE A 19 7.85 -20.60 -0.59
C PHE A 19 7.07 -21.53 -1.52
N THR A 20 5.86 -21.13 -1.88
CA THR A 20 5.05 -21.92 -2.82
C THR A 20 5.75 -22.04 -4.16
N ILE A 21 6.19 -20.89 -4.67
CA ILE A 21 6.88 -20.81 -5.95
C ILE A 21 8.16 -21.66 -5.98
N LYS A 22 8.90 -21.62 -4.88
CA LYS A 22 10.16 -22.34 -4.78
C LYS A 22 10.02 -23.80 -4.34
N ASN A 23 8.80 -24.23 -4.00
CA ASN A 23 8.57 -25.57 -3.47
C ASN A 23 9.45 -25.81 -2.25
N LYS A 24 9.66 -24.76 -1.46
CA LYS A 24 10.55 -24.86 -0.31
C LYS A 24 10.22 -23.80 0.73
N PRO A 25 9.77 -24.21 1.93
CA PRO A 25 9.52 -25.58 2.39
C PRO A 25 8.41 -26.25 1.57
N ALA A 26 8.59 -27.51 1.17
CA ALA A 26 7.63 -28.16 0.28
C ALA A 26 6.24 -28.20 0.85
N SER A 27 6.13 -28.16 2.18
CA SER A 27 4.85 -28.23 2.87
C SER A 27 3.92 -27.07 2.50
N VAL A 28 4.50 -25.94 2.11
CA VAL A 28 3.67 -24.79 1.80
C VAL A 28 2.90 -24.99 0.48
N ARG A 29 3.62 -25.42 -0.55
CA ARG A 29 2.98 -25.70 -1.82
C ARG A 29 1.93 -26.81 -1.64
N GLU A 30 2.25 -27.82 -0.83
CA GLU A 30 1.31 -28.90 -0.55
C GLU A 30 0.02 -28.32 0.03
N ARG A 31 0.12 -27.46 1.04
CA ARG A 31 -1.08 -26.89 1.64
C ARG A 31 -1.79 -25.95 0.65
N PHE A 32 -1.01 -25.21 -0.13
CA PHE A 32 -1.56 -24.36 -1.19
C PHE A 32 -2.51 -25.17 -2.08
N ASN A 33 -2.06 -26.35 -2.49
CA ASN A 33 -2.88 -27.17 -3.38
C ASN A 33 -4.12 -27.74 -2.68
N LEU A 34 -4.11 -27.80 -1.35
CA LEU A 34 -5.28 -28.24 -0.61
C LEU A 34 -6.33 -27.13 -0.48
N ASN A 35 -5.97 -25.89 -0.84
CA ASN A 35 -6.87 -24.76 -0.61
C ASN A 35 -7.13 -23.91 -1.85
N GLN A 36 -6.98 -24.50 -3.02
CA GLN A 36 -7.24 -23.79 -4.28
C GLN A 36 -8.68 -23.25 -4.34
N GLY A 37 -8.81 -22.03 -4.84
CA GLY A 37 -10.11 -21.37 -4.92
C GLY A 37 -10.43 -20.56 -3.68
N LYS A 38 -9.58 -20.68 -2.66
CA LYS A 38 -9.85 -20.03 -1.38
C LYS A 38 -8.80 -18.99 -1.03
N MET A 39 -7.85 -18.77 -1.93
CA MET A 39 -6.69 -17.93 -1.63
C MET A 39 -6.60 -16.64 -2.46
N CYS A 40 -6.01 -15.63 -1.85
CA CYS A 40 -5.74 -14.38 -2.54
C CYS A 40 -4.47 -13.73 -1.98
N ILE A 41 -4.04 -12.65 -2.63
CA ILE A 41 -3.00 -11.80 -2.09
C ILE A 41 -3.48 -10.37 -2.18
N SER A 42 -2.98 -9.53 -1.27
CA SER A 42 -3.12 -8.09 -1.39
C SER A 42 -2.24 -7.63 -2.55
N SER A 43 -2.69 -6.61 -3.30
CA SER A 43 -1.81 -5.96 -4.27
C SER A 43 -0.53 -5.45 -3.57
N VAL A 44 -0.59 -5.26 -2.26
CA VAL A 44 0.62 -4.87 -1.55
C VAL A 44 1.67 -5.99 -1.64
N THR A 45 1.22 -7.24 -1.56
CA THR A 45 2.14 -8.37 -1.72
C THR A 45 2.62 -8.47 -3.18
N LEU A 46 1.74 -8.20 -4.13
CA LEU A 46 2.18 -8.18 -5.53
C LEU A 46 3.33 -7.18 -5.70
N MET A 47 3.19 -6.01 -5.06
CA MET A 47 4.25 -5.01 -5.11
C MET A 47 5.57 -5.60 -4.61
N GLU A 48 5.53 -6.29 -3.47
CA GLU A 48 6.76 -6.89 -2.92
C GLU A 48 7.35 -7.94 -3.88
N LEU A 49 6.48 -8.73 -4.50
CA LEU A 49 6.94 -9.76 -5.42
C LEU A 49 7.61 -9.15 -6.65
N ILE A 50 6.99 -8.11 -7.22
CA ILE A 50 7.54 -7.45 -8.40
C ILE A 50 8.88 -6.79 -8.05
N TYR A 51 8.97 -6.18 -6.87
CA TYR A 51 10.25 -5.62 -6.40
C TYR A 51 11.34 -6.70 -6.39
N GLY A 52 11.00 -7.88 -5.88
CA GLY A 52 11.95 -8.98 -5.82
C GLY A 52 12.45 -9.37 -7.20
N ALA A 53 11.53 -9.39 -8.16
CA ALA A 53 11.87 -9.79 -9.50
C ALA A 53 12.70 -8.73 -10.21
N GLU A 54 12.29 -7.48 -10.10
CA GLU A 54 12.98 -6.44 -10.87
C GLU A 54 14.37 -6.15 -10.28
N LYS A 55 14.57 -6.48 -9.00
CA LYS A 55 15.86 -6.22 -8.39
C LYS A 55 16.82 -7.39 -8.60
N SER A 56 16.29 -8.50 -9.13
CA SER A 56 17.09 -9.70 -9.32
C SER A 56 17.99 -9.63 -10.56
N GLN A 57 18.81 -10.66 -10.73
CA GLN A 57 19.74 -10.76 -11.86
C GLN A 57 19.03 -11.20 -13.13
N MET A 58 17.85 -11.79 -12.98
CA MET A 58 17.06 -12.22 -14.13
CA MET A 58 17.06 -12.22 -14.12
C MET A 58 15.65 -11.64 -14.05
N PRO A 59 15.53 -10.32 -14.29
CA PRO A 59 14.25 -9.63 -14.10
C PRO A 59 13.11 -10.20 -14.96
N GLU A 60 13.36 -10.41 -16.25
CA GLU A 60 12.29 -10.85 -17.14
C GLU A 60 11.77 -12.25 -16.74
N ARG A 61 12.70 -13.16 -16.50
CA ARG A 61 12.35 -14.54 -16.13
C ARG A 61 11.55 -14.57 -14.82
N ASN A 62 12.02 -13.81 -13.85
CA ASN A 62 11.36 -13.80 -12.53
C ASN A 62 10.04 -13.07 -12.54
N LEU A 63 9.90 -12.10 -13.42
CA LEU A 63 8.62 -11.41 -13.59
C LEU A 63 7.57 -12.36 -14.15
N ALA A 64 8.00 -13.17 -15.12
CA ALA A 64 7.09 -14.16 -15.72
C ALA A 64 6.67 -15.19 -14.68
N VAL A 65 7.61 -15.58 -13.82
CA VAL A 65 7.29 -16.51 -12.73
C VAL A 65 6.19 -15.93 -11.85
N ILE A 66 6.35 -14.69 -11.43
CA ILE A 66 5.35 -14.03 -10.61
C ILE A 66 4.01 -13.93 -11.34
N GLU A 67 4.05 -13.53 -12.60
CA GLU A 67 2.84 -13.43 -13.43
C GLU A 67 2.09 -14.74 -13.52
N GLY A 68 2.80 -15.83 -13.72
CA GLY A 68 2.19 -17.15 -13.80
C GLY A 68 1.56 -17.54 -12.48
N PHE A 69 2.27 -17.26 -11.39
CA PHE A 69 1.78 -17.61 -10.06
C PHE A 69 0.50 -16.85 -9.69
N VAL A 70 0.53 -15.53 -9.82
CA VAL A 70 -0.62 -14.72 -9.39
C VAL A 70 -1.86 -14.94 -10.25
N SER A 71 -1.69 -15.43 -11.48
CA SER A 71 -2.85 -15.69 -12.34
C SER A 71 -3.72 -16.81 -11.79
N ARG A 72 -3.19 -17.62 -10.88
CA ARG A 72 -3.92 -18.78 -10.36
C ARG A 72 -4.68 -18.44 -9.09
N ILE A 73 -4.51 -17.22 -8.61
CA ILE A 73 -5.19 -16.76 -7.41
C ILE A 73 -5.78 -15.37 -7.66
N ASP A 74 -6.51 -14.86 -6.69
CA ASP A 74 -7.08 -13.54 -6.81
C ASP A 74 -6.12 -12.51 -6.26
N VAL A 75 -5.95 -11.40 -6.98
CA VAL A 75 -5.20 -10.27 -6.45
C VAL A 75 -6.21 -9.20 -6.05
N LEU A 76 -6.26 -8.85 -4.76
CA LEU A 76 -7.23 -7.87 -4.27
C LEU A 76 -6.67 -6.45 -4.25
N ASP A 77 -7.45 -5.50 -4.75
CA ASP A 77 -7.05 -4.10 -4.69
C ASP A 77 -7.07 -3.62 -3.26
N TYR A 78 -6.05 -2.84 -2.89
CA TYR A 78 -5.96 -2.25 -1.55
C TYR A 78 -6.85 -1.03 -1.54
N ASP A 79 -8.04 -1.17 -0.96
CA ASP A 79 -9.11 -0.17 -1.12
C ASP A 79 -9.30 0.68 0.14
N ALA A 80 -10.34 1.49 0.16
CA ALA A 80 -10.56 2.41 1.29
C ALA A 80 -10.74 1.63 2.58
N ALA A 81 -11.44 0.51 2.52
CA ALA A 81 -11.64 -0.31 3.73
C ALA A 81 -10.32 -0.86 4.25
N ALA A 82 -9.50 -1.37 3.34
CA ALA A 82 -8.19 -1.89 3.74
C ALA A 82 -7.35 -0.77 4.34
N ALA A 83 -7.35 0.39 3.70
CA ALA A 83 -6.60 1.55 4.19
C ALA A 83 -7.05 1.98 5.59
N THR A 84 -8.35 1.95 5.83
CA THR A 84 -8.91 2.42 7.10
C THR A 84 -8.57 1.45 8.24
N HIS A 85 -8.75 0.15 8.01
CA HIS A 85 -8.28 -0.84 8.97
C HIS A 85 -6.78 -0.68 9.24
N THR A 86 -6.01 -0.43 8.18
CA THR A 86 -4.57 -0.27 8.38
C THR A 86 -4.24 0.93 9.24
N GLY A 87 -4.94 2.04 9.02
CA GLY A 87 -4.73 3.25 9.78
C GLY A 87 -5.06 3.02 11.24
N GLN A 88 -6.18 2.35 11.49
CA GLN A 88 -6.59 2.02 12.85
C GLN A 88 -5.53 1.13 13.54
N ILE A 89 -5.08 0.12 12.82
CA ILE A 89 -4.06 -0.81 13.31
C ILE A 89 -2.75 -0.08 13.65
N ARG A 90 -2.28 0.78 12.76
CA ARG A 90 -1.04 1.51 13.03
C ARG A 90 -1.14 2.39 14.28
N ALA A 91 -2.29 3.01 14.50
CA ALA A 91 -2.49 3.82 15.71
C ALA A 91 -2.49 2.96 16.97
N GLU A 92 -3.14 1.82 16.90
CA GLU A 92 -3.19 0.89 18.04
C GLU A 92 -1.80 0.33 18.37
N LEU A 93 -1.05 -0.09 17.35
CA LEU A 93 0.32 -0.55 17.52
C LEU A 93 1.20 0.52 18.15
N ALA A 94 1.06 1.76 17.66
CA ALA A 94 1.81 2.88 18.22
C ALA A 94 1.47 3.08 19.70
N ARG A 95 0.19 2.98 20.03
CA ARG A 95 -0.23 3.12 21.43
C ARG A 95 0.40 2.05 22.32
N GLN A 96 0.51 0.82 21.80
CA GLN A 96 1.07 -0.28 22.58
C GLN A 96 2.59 -0.41 22.51
N GLY A 97 3.23 0.43 21.67
CA GLY A 97 4.67 0.39 21.51
C GLY A 97 5.16 -0.87 20.82
N ARG A 98 4.36 -1.37 19.89
CA ARG A 98 4.67 -2.61 19.19
C ARG A 98 5.07 -2.36 17.74
N PRO A 99 6.20 -2.95 17.32
CA PRO A 99 6.70 -2.80 15.95
C PRO A 99 6.14 -3.81 14.95
N VAL A 100 5.65 -3.31 13.82
CA VAL A 100 5.28 -4.15 12.69
C VAL A 100 5.74 -3.40 11.48
N GLY A 101 6.35 -4.10 10.53
CA GLY A 101 6.90 -3.45 9.34
C GLY A 101 5.82 -2.81 8.50
N PRO A 102 6.18 -1.80 7.70
CA PRO A 102 5.15 -1.01 7.02
C PRO A 102 4.27 -1.81 6.06
N PHE A 103 4.85 -2.67 5.23
CA PHE A 103 4.01 -3.39 4.28
C PHE A 103 3.18 -4.46 4.97
N ASN A 104 3.72 -5.04 6.04
CA ASN A 104 2.97 -6.03 6.81
C ASN A 104 1.76 -5.39 7.52
N GLN A 105 1.92 -4.15 7.98
CA GLN A 105 0.79 -3.41 8.54
C GLN A 105 -0.35 -3.32 7.52
N MET A 106 0.00 -3.03 6.26
CA MET A 106 -0.98 -2.87 5.21
C MET A 106 -1.64 -4.22 4.85
N ILE A 107 -0.84 -5.27 4.78
CA ILE A 107 -1.35 -6.60 4.48
C ILE A 107 -2.30 -7.06 5.59
N ALA A 108 -1.93 -6.75 6.82
CA ALA A 108 -2.75 -7.09 7.99
C ALA A 108 -4.09 -6.36 7.96
N GLY A 109 -4.07 -5.05 7.68
CA GLY A 109 -5.30 -4.29 7.58
C GLY A 109 -6.15 -4.75 6.41
N HIS A 110 -5.49 -5.10 5.32
CA HIS A 110 -6.24 -5.59 4.17
C HIS A 110 -6.96 -6.90 4.51
N ALA A 111 -6.23 -7.84 5.10
CA ALA A 111 -6.84 -9.11 5.50
C ALA A 111 -8.00 -8.88 6.45
N ARG A 112 -7.76 -8.07 7.47
CA ARG A 112 -8.80 -7.86 8.48
C ARG A 112 -10.02 -7.20 7.86
N SER A 113 -9.80 -6.30 6.89
CA SER A 113 -10.91 -5.60 6.25
C SER A 113 -11.82 -6.57 5.47
N ARG A 114 -11.28 -7.73 5.12
CA ARG A 114 -12.02 -8.73 4.34
C ARG A 114 -12.35 -10.00 5.16
N GLY A 115 -12.04 -9.98 6.44
CA GLY A 115 -12.26 -11.12 7.33
C GLY A 115 -11.48 -12.36 6.93
N LEU A 116 -10.29 -12.17 6.39
CA LEU A 116 -9.47 -13.28 5.93
C LEU A 116 -8.41 -13.68 6.96
N ILE A 117 -8.05 -14.96 6.92
CA ILE A 117 -6.91 -15.48 7.65
C ILE A 117 -5.64 -15.12 6.88
N ILE A 118 -4.68 -14.49 7.56
CA ILE A 118 -3.38 -14.23 6.97
C ILE A 118 -2.51 -15.49 7.08
N VAL A 119 -2.02 -15.97 5.94
CA VAL A 119 -1.10 -17.10 5.95
C VAL A 119 0.30 -16.55 5.88
N THR A 120 1.10 -16.84 6.91
CA THR A 120 2.40 -16.21 7.05
C THR A 120 3.32 -17.04 7.92
N ASN A 121 4.62 -16.88 7.70
CA ASN A 121 5.62 -17.47 8.57
C ASN A 121 6.13 -16.44 9.58
N ASN A 122 5.61 -15.25 9.50
CA ASN A 122 5.98 -14.18 10.42
C ASN A 122 4.92 -14.05 11.49
N THR A 123 4.68 -15.13 12.13
CA THR A 123 3.55 -15.21 13.05
C THR A 123 3.54 -14.22 14.23
N ARG A 124 4.64 -14.14 14.93
CA ARG A 124 4.73 -13.25 16.10
C ARG A 124 4.47 -11.79 15.72
N GLU A 125 4.99 -11.37 14.57
CA GLU A 125 4.85 -9.98 14.15
C GLU A 125 3.37 -9.70 13.83
N PHE A 126 2.74 -10.57 13.05
CA PHE A 126 1.33 -10.33 12.69
C PHE A 126 0.41 -10.49 13.90
N GLU A 127 0.81 -11.31 14.87
CA GLU A 127 0.03 -11.50 16.09
C GLU A 127 0.04 -10.26 16.99
N ARG A 128 0.87 -9.27 16.67
CA ARG A 128 0.86 -8.02 17.44
C ARG A 128 -0.39 -7.21 17.11
N VAL A 129 -0.96 -7.50 15.94
CA VAL A 129 -2.17 -6.83 15.42
C VAL A 129 -3.42 -7.44 16.06
N GLY A 130 -4.36 -6.59 16.47
CA GLY A 130 -5.60 -7.06 17.09
C GLY A 130 -6.65 -7.53 16.07
N GLY A 131 -7.43 -8.53 16.48
CA GLY A 131 -8.55 -8.99 15.67
C GLY A 131 -8.17 -9.68 14.37
N LEU A 132 -7.00 -10.31 14.35
CA LEU A 132 -6.46 -10.93 13.14
C LEU A 132 -6.05 -12.38 13.41
N ARG A 133 -6.58 -13.29 12.62
CA ARG A 133 -6.23 -14.71 12.67
C ARG A 133 -5.11 -15.03 11.69
N THR A 134 -4.13 -15.83 12.11
CA THR A 134 -3.06 -16.24 11.19
C THR A 134 -2.84 -17.75 11.23
N GLU A 135 -2.29 -18.28 10.13
CA GLU A 135 -1.82 -19.67 10.06
C GLU A 135 -0.44 -19.68 9.41
N ASP A 136 0.37 -20.69 9.71
CA ASP A 136 1.65 -20.90 9.03
C ASP A 136 1.63 -22.28 8.36
N TRP A 137 1.97 -22.34 7.07
CA TRP A 137 1.94 -23.61 6.34
C TRP A 137 3.32 -24.25 6.19
N SER A 138 4.34 -23.68 6.85
CA SER A 138 5.73 -24.11 6.69
C SER A 138 6.06 -25.53 7.24
N HIS B 7 -11.84 14.39 -15.86
CA HIS B 7 -10.72 13.44 -15.88
C HIS B 7 -9.64 13.88 -14.90
N LEU B 8 -9.08 12.89 -14.20
CA LEU B 8 -8.10 13.13 -13.14
C LEU B 8 -6.76 13.65 -13.66
N LYS B 9 -6.16 14.58 -12.93
CA LYS B 9 -4.87 15.15 -13.32
C LYS B 9 -3.81 15.10 -12.22
N PHE B 10 -4.23 15.21 -10.95
CA PHE B 10 -3.31 15.30 -9.83
C PHE B 10 -3.59 14.23 -8.78
N MET B 11 -2.53 13.67 -8.21
CA MET B 11 -2.64 12.86 -7.00
C MET B 11 -1.96 13.61 -5.87
N LEU B 12 -2.72 13.97 -4.84
CA LEU B 12 -2.19 14.70 -3.69
C LEU B 12 -1.54 13.79 -2.66
N ASP B 13 -0.33 14.11 -2.23
CA ASP B 13 0.27 13.30 -1.19
C ASP B 13 -0.30 13.71 0.18
N THR B 14 0.09 12.99 1.23
CA THR B 14 -0.53 13.17 2.54
C THR B 14 -0.32 14.57 3.11
N ASN B 15 0.89 15.09 3.00
CA ASN B 15 1.18 16.42 3.54
C ASN B 15 0.30 17.48 2.87
N ILE B 16 0.17 17.38 1.56
CA ILE B 16 -0.61 18.36 0.81
C ILE B 16 -2.08 18.32 1.24
N CYS B 17 -2.59 17.13 1.53
CA CYS B 17 -3.95 17.03 2.04
C CYS B 17 -4.11 17.76 3.36
N ILE B 18 -3.16 17.51 4.26
CA ILE B 18 -3.19 18.13 5.58
C ILE B 18 -3.10 19.66 5.47
N PHE B 19 -2.22 20.14 4.58
CA PHE B 19 -2.15 21.58 4.34
C PHE B 19 -3.48 22.13 3.83
N THR B 20 -4.11 21.40 2.92
CA THR B 20 -5.40 21.82 2.38
C THR B 20 -6.44 21.90 3.51
N ILE B 21 -6.50 20.83 4.29
CA ILE B 21 -7.45 20.73 5.39
C ILE B 21 -7.25 21.88 6.37
N LYS B 22 -5.99 22.16 6.68
CA LYS B 22 -5.68 23.18 7.68
C LYS B 22 -5.73 24.59 7.09
N ASN B 23 -5.87 24.65 5.77
CA ASN B 23 -5.88 25.90 5.04
C ASN B 23 -4.64 26.70 5.39
N LYS B 24 -3.51 26.01 5.55
CA LYS B 24 -2.22 26.62 5.90
C LYS B 24 -1.09 25.66 5.56
N PRO B 25 -0.20 26.07 4.65
CA PRO B 25 -0.22 27.37 3.96
C PRO B 25 -1.43 27.53 3.03
N ALA B 26 -2.05 28.71 3.05
CA ALA B 26 -3.29 28.95 2.30
C ALA B 26 -3.13 28.72 0.79
N SER B 27 -1.90 28.80 0.30
CA SER B 27 -1.67 28.65 -1.14
C SER B 27 -2.12 27.28 -1.64
N VAL B 28 -2.09 26.29 -0.75
CA VAL B 28 -2.45 24.92 -1.13
C VAL B 28 -3.96 24.83 -1.36
N ARG B 29 -4.74 25.34 -0.40
CA ARG B 29 -6.18 25.37 -0.54
C ARG B 29 -6.61 26.16 -1.76
N GLU B 30 -5.92 27.27 -2.02
CA GLU B 30 -6.25 28.10 -3.18
C GLU B 30 -6.13 27.28 -4.45
N ARG B 31 -5.01 26.59 -4.62
CA ARG B 31 -4.80 25.81 -5.82
C ARG B 31 -5.75 24.62 -5.85
N PHE B 32 -6.01 24.05 -4.67
CA PHE B 32 -6.97 22.96 -4.55
C PHE B 32 -8.32 23.35 -5.16
N ASN B 33 -8.82 24.52 -4.79
CA ASN B 33 -10.13 24.95 -5.27
C ASN B 33 -10.13 25.27 -6.77
N LEU B 34 -8.95 25.57 -7.31
CA LEU B 34 -8.81 25.85 -8.74
C LEU B 34 -8.85 24.57 -9.55
N ASN B 35 -8.71 23.43 -8.88
CA ASN B 35 -8.57 22.16 -9.55
C ASN B 35 -9.61 21.14 -9.15
N GLN B 36 -10.78 21.63 -8.75
CA GLN B 36 -11.88 20.76 -8.36
C GLN B 36 -12.24 19.82 -9.51
N GLY B 37 -12.43 18.54 -9.18
CA GLY B 37 -12.79 17.55 -10.16
C GLY B 37 -11.61 16.88 -10.84
N LYS B 38 -10.44 17.42 -10.63
CA LYS B 38 -9.25 16.88 -11.26
C LYS B 38 -8.24 16.25 -10.33
N MET B 39 -8.61 16.15 -9.06
CA MET B 39 -7.70 15.68 -8.02
C MET B 39 -8.12 14.37 -7.40
N CYS B 40 -7.14 13.60 -6.94
CA CYS B 40 -7.43 12.37 -6.22
C CYS B 40 -6.38 12.09 -5.19
N ILE B 41 -6.63 11.07 -4.37
CA ILE B 41 -5.60 10.57 -3.48
C ILE B 41 -5.52 9.06 -3.66
N SER B 42 -4.34 8.50 -3.44
CA SER B 42 -4.19 7.06 -3.32
C SER B 42 -4.83 6.63 -2.00
N SER B 43 -5.44 5.44 -1.98
CA SER B 43 -5.89 4.86 -0.72
C SER B 43 -4.73 4.75 0.28
N VAL B 44 -3.51 4.72 -0.23
CA VAL B 44 -2.34 4.71 0.64
C VAL B 44 -2.28 6.00 1.47
N THR B 45 -2.63 7.12 0.84
CA THR B 45 -2.69 8.38 1.56
C THR B 45 -3.89 8.38 2.54
N LEU B 46 -5.01 7.76 2.15
CA LEU B 46 -6.14 7.63 3.08
C LEU B 46 -5.68 6.90 4.35
N MET B 47 -4.90 5.83 4.18
CA MET B 47 -4.37 5.08 5.32
C MET B 47 -3.57 6.01 6.25
N GLU B 48 -2.69 6.83 5.67
CA GLU B 48 -1.88 7.74 6.47
C GLU B 48 -2.75 8.76 7.22
N LEU B 49 -3.79 9.27 6.56
CA LEU B 49 -4.68 10.24 7.20
C LEU B 49 -5.43 9.59 8.36
N ILE B 50 -5.94 8.38 8.16
CA ILE B 50 -6.67 7.69 9.21
C ILE B 50 -5.76 7.42 10.42
N TYR B 51 -4.53 7.00 10.15
CA TYR B 51 -3.54 6.81 11.21
C TYR B 51 -3.34 8.08 12.04
N GLY B 52 -3.16 9.19 11.33
CA GLY B 52 -2.94 10.46 11.97
C GLY B 52 -4.10 10.87 12.85
N ALA B 53 -5.32 10.64 12.37
CA ALA B 53 -6.51 11.02 13.15
C ALA B 53 -6.70 10.08 14.35
N GLU B 54 -6.51 8.78 14.12
CA GLU B 54 -6.76 7.79 15.19
C GLU B 54 -5.77 7.94 16.33
N LYS B 55 -4.57 8.41 16.03
CA LYS B 55 -3.54 8.54 17.06
C LYS B 55 -3.58 9.90 17.75
N SER B 56 -4.40 10.81 17.24
CA SER B 56 -4.44 12.17 17.74
C SER B 56 -5.16 12.28 19.08
N GLN B 57 -5.15 13.47 19.67
CA GLN B 57 -5.81 13.67 20.95
C GLN B 57 -7.34 13.83 20.82
N MET B 58 -7.80 14.16 19.61
CA MET B 58 -9.23 14.26 19.33
C MET B 58 -9.62 13.38 18.15
N PRO B 59 -9.59 12.05 18.33
CA PRO B 59 -9.78 11.14 17.18
C PRO B 59 -11.13 11.30 16.49
N GLU B 60 -12.22 11.39 17.26
CA GLU B 60 -13.53 11.42 16.62
C GLU B 60 -13.66 12.66 15.75
N ARG B 61 -13.30 13.78 16.30
CA ARG B 61 -13.35 15.02 15.60
C ARG B 61 -12.44 14.99 14.35
N ASN B 62 -11.23 14.52 14.50
CA ASN B 62 -10.32 14.49 13.37
C ASN B 62 -10.72 13.46 12.32
N LEU B 63 -11.33 12.37 12.75
CA LEU B 63 -11.81 11.37 11.79
C LEU B 63 -12.96 11.97 10.96
N ALA B 64 -13.81 12.76 11.60
CA ALA B 64 -14.90 13.44 10.88
C ALA B 64 -14.33 14.41 9.83
N VAL B 65 -13.27 15.13 10.21
CA VAL B 65 -12.61 16.02 9.27
C VAL B 65 -12.15 15.25 8.04
N ILE B 66 -11.49 14.12 8.26
CA ILE B 66 -11.03 13.29 7.14
C ILE B 66 -12.19 12.81 6.26
N GLU B 67 -13.19 12.25 6.93
CA GLU B 67 -14.45 12.04 6.27
C GLU B 67 -15.04 13.04 5.16
N GLY B 68 -15.05 14.23 5.77
CA GLY B 68 -15.52 15.36 4.99
C GLY B 68 -14.57 15.67 3.84
N PHE B 69 -13.28 15.62 4.11
CA PHE B 69 -12.28 15.95 3.10
C PHE B 69 -12.34 14.94 1.96
N VAL B 70 -12.40 13.67 2.33
CA VAL B 70 -12.38 12.56 1.40
C VAL B 70 -13.63 12.53 0.52
N SER B 71 -14.73 13.07 1.04
CA SER B 71 -15.96 13.13 0.26
C SER B 71 -15.83 14.13 -0.90
N ARG B 72 -14.86 15.03 -0.80
CA ARG B 72 -14.69 16.10 -1.78
C ARG B 72 -13.69 15.73 -2.88
N ILE B 73 -13.06 14.56 -2.77
CA ILE B 73 -12.07 14.16 -3.75
C ILE B 73 -12.25 12.70 -4.14
N ASP B 74 -11.54 12.23 -5.16
CA ASP B 74 -11.58 10.81 -5.50
C ASP B 74 -10.49 10.06 -4.74
N VAL B 75 -10.86 8.91 -4.19
CA VAL B 75 -9.89 8.00 -3.61
C VAL B 75 -9.71 6.79 -4.52
N LEU B 76 -8.50 6.63 -5.05
CA LEU B 76 -8.21 5.54 -5.97
C LEU B 76 -7.68 4.31 -5.25
N ASP B 77 -8.24 3.16 -5.60
CA ASP B 77 -7.75 1.91 -5.03
C ASP B 77 -6.35 1.61 -5.56
N TYR B 78 -5.48 1.13 -4.67
CA TYR B 78 -4.12 0.75 -5.06
C TYR B 78 -4.16 -0.65 -5.69
N ASP B 79 -4.08 -0.69 -7.01
CA ASP B 79 -4.36 -1.91 -7.78
C ASP B 79 -3.09 -2.59 -8.29
N ALA B 80 -3.25 -3.61 -9.11
CA ALA B 80 -2.10 -4.36 -9.61
C ALA B 80 -1.14 -3.45 -10.40
N ALA B 81 -1.69 -2.54 -11.20
CA ALA B 81 -0.87 -1.63 -11.99
C ALA B 81 -0.07 -0.73 -11.05
N ALA B 82 -0.71 -0.20 -10.02
CA ALA B 82 0.01 0.62 -9.05
C ALA B 82 1.12 -0.19 -8.37
N ALA B 83 0.80 -1.43 -7.97
CA ALA B 83 1.76 -2.31 -7.32
C ALA B 83 2.97 -2.59 -8.20
N THR B 84 2.70 -2.75 -9.50
CA THR B 84 3.71 -3.14 -10.45
C THR B 84 4.69 -1.99 -10.70
N HIS B 85 4.17 -0.79 -10.93
CA HIS B 85 5.01 0.40 -10.97
C HIS B 85 5.82 0.59 -9.67
N THR B 86 5.20 0.34 -8.52
CA THR B 86 5.90 0.53 -7.25
C THR B 86 7.10 -0.41 -7.11
N GLY B 87 6.91 -1.68 -7.48
CA GLY B 87 8.00 -2.64 -7.41
C GLY B 87 9.15 -2.24 -8.31
N GLN B 88 8.84 -1.80 -9.53
CA GLN B 88 9.88 -1.35 -10.45
C GLN B 88 10.65 -0.18 -9.85
N ILE B 89 9.89 0.75 -9.30
CA ILE B 89 10.45 1.96 -8.73
C ILE B 89 11.40 1.63 -7.58
N ARG B 90 10.97 0.78 -6.65
CA ARG B 90 11.81 0.38 -5.52
C ARG B 90 13.11 -0.29 -5.99
N ALA B 91 13.02 -1.09 -7.05
CA ALA B 91 14.22 -1.72 -7.58
C ALA B 91 15.18 -0.67 -8.14
N GLU B 92 14.63 0.31 -8.85
CA GLU B 92 15.46 1.36 -9.45
C GLU B 92 16.08 2.27 -8.38
N LEU B 93 15.28 2.68 -7.42
CA LEU B 93 15.80 3.48 -6.30
C LEU B 93 16.93 2.76 -5.57
N ALA B 94 16.72 1.47 -5.28
CA ALA B 94 17.73 0.66 -4.59
C ALA B 94 19.01 0.59 -5.38
N ARG B 95 18.88 0.41 -6.68
CA ARG B 95 20.03 0.37 -7.58
C ARG B 95 20.82 1.66 -7.48
N GLN B 96 20.10 2.78 -7.45
CA GLN B 96 20.73 4.09 -7.45
C GLN B 96 21.11 4.59 -6.07
N GLY B 97 20.70 3.85 -5.03
CA GLY B 97 20.98 4.23 -3.66
C GLY B 97 20.21 5.46 -3.22
N ARG B 98 18.98 5.59 -3.71
CA ARG B 98 18.16 6.76 -3.41
C ARG B 98 17.09 6.41 -2.39
N PRO B 99 17.05 7.14 -1.28
CA PRO B 99 16.06 6.82 -0.23
C PRO B 99 14.71 7.48 -0.48
N VAL B 100 13.67 6.66 -0.40
CA VAL B 100 12.30 7.15 -0.45
C VAL B 100 11.51 6.31 0.55
N GLY B 101 10.67 6.96 1.35
CA GLY B 101 9.94 6.24 2.39
C GLY B 101 8.98 5.22 1.79
N PRO B 102 8.62 4.18 2.57
CA PRO B 102 7.84 3.08 2.00
C PRO B 102 6.49 3.53 1.45
N PHE B 103 5.77 4.37 2.20
CA PHE B 103 4.44 4.75 1.74
C PHE B 103 4.56 5.72 0.58
N ASN B 104 5.61 6.54 0.59
CA ASN B 104 5.83 7.44 -0.53
C ASN B 104 6.21 6.69 -1.82
N GLN B 105 6.94 5.58 -1.68
CA GLN B 105 7.22 4.70 -2.81
C GLN B 105 5.92 4.24 -3.47
N MET B 106 4.96 3.86 -2.63
CA MET B 106 3.69 3.34 -3.11
C MET B 106 2.85 4.43 -3.74
N ILE B 107 2.83 5.62 -3.15
CA ILE B 107 2.09 6.73 -3.73
C ILE B 107 2.68 7.11 -5.09
N ALA B 108 4.01 7.10 -5.19
CA ALA B 108 4.70 7.43 -6.45
C ALA B 108 4.37 6.40 -7.55
N GLY B 109 4.38 5.12 -7.18
CA GLY B 109 4.03 4.08 -8.13
C GLY B 109 2.58 4.16 -8.58
N HIS B 110 1.69 4.48 -7.65
CA HIS B 110 0.27 4.63 -7.98
C HIS B 110 0.10 5.78 -8.97
N ALA B 111 0.70 6.92 -8.65
CA ALA B 111 0.63 8.09 -9.52
C ALA B 111 1.19 7.76 -10.88
N ARG B 112 2.36 7.11 -10.92
CA ARG B 112 2.99 6.83 -12.21
C ARG B 112 2.14 5.88 -13.07
N SER B 113 1.50 4.92 -12.41
CA SER B 113 0.67 3.94 -13.09
C SER B 113 -0.55 4.58 -13.75
N ARG B 114 -0.95 5.76 -13.27
CA ARG B 114 -2.13 6.45 -13.78
C ARG B 114 -1.78 7.70 -14.59
N GLY B 115 -0.49 7.96 -14.78
CA GLY B 115 -0.05 9.14 -15.51
C GLY B 115 -0.46 10.44 -14.83
N LEU B 116 -0.48 10.42 -13.50
CA LEU B 116 -0.87 11.59 -12.71
C LEU B 116 0.33 12.35 -12.19
N ILE B 117 0.14 13.65 -12.01
CA ILE B 117 1.11 14.51 -11.35
C ILE B 117 1.05 14.34 -9.84
N ILE B 118 2.18 14.04 -9.20
CA ILE B 118 2.21 14.01 -7.74
C ILE B 118 2.37 15.42 -7.18
N VAL B 119 1.40 15.84 -6.37
CA VAL B 119 1.49 17.10 -5.68
C VAL B 119 2.00 16.82 -4.28
N THR B 120 3.12 17.45 -3.94
CA THR B 120 3.82 17.15 -2.70
C THR B 120 4.67 18.32 -2.27
N ASN B 121 4.91 18.43 -0.97
CA ASN B 121 5.86 19.39 -0.45
C ASN B 121 7.20 18.71 -0.21
N ASN B 122 7.23 17.40 -0.46
CA ASN B 122 8.44 16.62 -0.31
C ASN B 122 9.10 16.32 -1.66
N THR B 123 9.41 17.39 -2.37
CA THR B 123 9.94 17.30 -3.71
C THR B 123 11.25 16.50 -3.71
N ARG B 124 12.05 16.70 -2.66
CA ARG B 124 13.33 16.01 -2.53
C ARG B 124 13.21 14.50 -2.64
N GLU B 125 12.21 13.95 -1.98
CA GLU B 125 12.01 12.50 -2.04
C GLU B 125 11.45 12.08 -3.38
N PHE B 126 10.39 12.72 -3.82
CA PHE B 126 9.69 12.27 -5.02
C PHE B 126 10.46 12.52 -6.32
N GLU B 127 11.35 13.51 -6.34
CA GLU B 127 12.15 13.77 -7.54
C GLU B 127 13.15 12.64 -7.78
N ARG B 128 13.34 11.80 -6.78
CA ARG B 128 14.24 10.66 -6.89
C ARG B 128 13.63 9.56 -7.78
N VAL B 129 12.32 9.60 -7.94
CA VAL B 129 11.59 8.61 -8.74
C VAL B 129 11.65 9.00 -10.21
N GLY B 130 11.93 8.01 -11.07
CA GLY B 130 11.99 8.23 -12.49
C GLY B 130 10.63 8.24 -13.17
N GLY B 131 10.49 9.08 -14.19
CA GLY B 131 9.30 9.11 -15.00
C GLY B 131 8.09 9.63 -14.24
N LEU B 132 8.35 10.53 -13.29
CA LEU B 132 7.29 11.04 -12.43
C LEU B 132 7.28 12.57 -12.43
N ARG B 133 6.12 13.15 -12.76
CA ARG B 133 5.96 14.60 -12.71
C ARG B 133 5.46 15.01 -11.34
N THR B 134 6.03 16.09 -10.80
CA THR B 134 5.60 16.60 -9.50
C THR B 134 5.36 18.11 -9.51
N GLU B 135 4.49 18.55 -8.60
CA GLU B 135 4.28 19.97 -8.32
C GLU B 135 4.26 20.19 -6.82
N ASP B 136 4.66 21.38 -6.38
CA ASP B 136 4.54 21.77 -4.99
C ASP B 136 3.63 22.98 -4.91
N TRP B 137 2.59 22.87 -4.10
CA TRP B 137 1.62 23.96 -3.99
C TRP B 137 1.78 24.75 -2.71
N SER B 138 2.73 24.38 -1.87
CA SER B 138 2.90 25.01 -0.57
C SER B 138 3.52 26.39 -0.68
N1 EPE C . 9.10 -7.94 3.48
C2 EPE C . 10.50 -7.92 3.02
C3 EPE C . 10.67 -8.80 1.78
N4 EPE C . 10.05 -10.10 1.91
C5 EPE C . 8.77 -10.18 2.60
C6 EPE C . 8.75 -9.32 3.85
C7 EPE C . 10.37 -11.13 0.94
C8 EPE C . 11.75 -11.75 1.17
O8 EPE C . 12.30 -12.18 -0.05
C9 EPE C . 8.96 -7.06 4.64
C10 EPE C . 7.56 -6.45 4.75
S EPE C . 7.51 -5.12 5.98
O1S EPE C . 8.72 -5.21 6.80
O2S EPE C . 7.47 -3.84 5.28
O3S EPE C . 6.32 -5.27 6.80
H21 EPE C . 11.15 -8.29 3.81
H22 EPE C . 10.79 -6.90 2.79
H31 EPE C . 11.74 -8.93 1.57
H32 EPE C . 10.24 -8.28 0.91
H51 EPE C . 8.57 -11.22 2.87
H52 EPE C . 7.98 -9.85 1.92
H61 EPE C . 9.48 -9.70 4.57
H62 EPE C . 7.76 -9.35 4.30
H71 EPE C . 10.34 -10.70 -0.06
H72 EPE C . 9.62 -11.91 0.99
H81 EPE C . 11.65 -12.61 1.85
H82 EPE C . 12.41 -11.02 1.65
HO8 EPE C . 11.68 -11.97 -0.77
H91 EPE C . 9.16 -7.64 5.56
H92 EPE C . 9.70 -6.26 4.59
H101 EPE C . 7.27 -6.06 3.76
H102 EPE C . 6.84 -7.23 5.02
N1 EPE D . 4.76 10.51 5.61
C2 EPE D . 3.64 11.25 5.00
C3 EPE D . 3.25 12.48 5.81
N4 EPE D . 2.99 12.11 7.17
C5 EPE D . 3.95 11.26 7.84
C6 EPE D . 4.42 10.07 6.99
C7 EPE D . 2.16 12.99 7.98
C8 EPE D . 2.97 14.07 8.68
O8 EPE D . 2.55 14.23 10.02
C9 EPE D . 5.13 9.44 4.66
C10 EPE D . 5.83 8.27 5.33
S EPE D . 6.85 7.32 4.16
O1S EPE D . 6.66 5.89 4.40
O2S EPE D . 8.24 7.70 4.44
O3S EPE D . 6.51 7.63 2.79
H21 EPE D . 2.78 10.59 4.93
H22 EPE D . 3.92 11.55 3.99
H31 EPE D . 2.37 12.95 5.37
H32 EPE D . 4.07 13.20 5.77
H51 EPE D . 3.53 10.88 8.76
H52 EPE D . 4.83 11.86 8.12
H61 EPE D . 3.63 9.33 6.95
H62 EPE D . 5.29 9.62 7.45
H71 EPE D . 1.63 12.39 8.74
H72 EPE D . 1.41 13.45 7.35
H81 EPE D . 2.84 15.02 8.15
H82 EPE D . 4.02 13.82 8.67
HO8 EPE D . 1.83 13.60 10.22
H91 EPE D . 4.23 9.07 4.16
H92 EPE D . 5.78 9.86 3.89
H101 EPE D . 6.47 8.64 6.13
H102 EPE D . 5.09 7.61 5.77
#